data_5FZ4
#
_entry.id   5FZ4
#
_cell.length_a   141.360
_cell.length_b   141.360
_cell.length_c   151.960
_cell.angle_alpha   90.00
_cell.angle_beta   90.00
_cell.angle_gamma   120.00
#
_symmetry.space_group_name_H-M   'P 65 2 2'
#
loop_
_entity.id
_entity.type
_entity.pdbx_description
1 polymer 'LYSINE-SPECIFIC DEMETHYLASE 5B'
2 non-polymer 'ZINC ION'
3 non-polymer (3S)-1-[(3-phenyl-1,2,4-oxadiazol-5-yl)methyl]pyrrolidin-3-ol
4 non-polymer 'MANGANESE (II) ION'
5 non-polymer 'CHLORIDE ION'
6 non-polymer 1,2-ETHANEDIOL
7 non-polymer 'DIMETHYL SULFOXIDE'
8 non-polymer 'PHOSPHATE ION'
9 water water
#
_entity_poly.entity_id   1
_entity_poly.type   'polypeptide(L)'
_entity_poly.pdbx_seq_one_letter_code
;SMFLPPPECPVFEPSWEEFADPFAFIHKIRPIAEQTGICKVRPPPDWQPPFACDVDKLHFTPRIQRLNELEAQTRVKLGG
GGARDYTLRTFGEMADAFKSDYFNMPVHMVPTELVEKEFWRLVSTIEEDVTVEYGADIASKEFGSGFPVRDGKIKLSPEE
EEYLDSGWNLNNMPVMEQSVLAHITADICGMKLPWLYVGMCFSSFCWHIEDHWSYSINYLHWGEPKTWYGVPGYAAEQLE
NVMKKLAPELFVSQPDLLHQLVTIMNPNTLMTHEVPVYRTNQCAGEFVITFPRAYHSGFNQGFNFAEAVNFCTVDWLPLG
RQCVEHYRLLHRYCVFSHDEMICKMASKADVLDVVVASTVQKDMAIMIEDEKALRETVRKLGVIDSERMDFELLPDDERQ
CVKCKTTCFMSAISCSCKPGLLVCLHHVKELCSCPPYKYKLRYRYTLDDLYPMMNALKLRAESYNEWALNVNEALEAKI
;
_entity_poly.pdbx_strand_id   A
#
loop_
_chem_comp.id
_chem_comp.type
_chem_comp.name
_chem_comp.formula
CL non-polymer 'CHLORIDE ION' 'Cl -1'
DMS non-polymer 'DIMETHYL SULFOXIDE' 'C2 H6 O S'
EDO non-polymer 1,2-ETHANEDIOL 'C2 H6 O2'
MN non-polymer 'MANGANESE (II) ION' 'Mn 2'
P6B non-polymer (3S)-1-[(3-phenyl-1,2,4-oxadiazol-5-yl)methyl]pyrrolidin-3-ol 'C13 H15 N3 O2'
PO4 non-polymer 'PHOSPHATE ION' 'O4 P -3'
ZN non-polymer 'ZINC ION' 'Zn 2'
#
# COMPACT_ATOMS: atom_id res chain seq x y z
N SER A 1 -23.50 -23.03 -4.88
CA SER A 1 -23.33 -24.08 -3.89
C SER A 1 -21.86 -24.30 -3.61
N MET A 2 -21.53 -24.54 -2.34
CA MET A 2 -20.14 -24.56 -1.92
C MET A 2 -19.50 -23.20 -2.27
N PHE A 3 -18.78 -23.08 -3.39
CA PHE A 3 -18.12 -21.81 -3.74
C PHE A 3 -18.43 -21.35 -5.16
N LEU A 4 -18.98 -20.15 -5.29
CA LEU A 4 -19.21 -19.57 -6.61
C LEU A 4 -18.13 -18.53 -6.92
N PRO A 5 -17.21 -18.88 -7.83
CA PRO A 5 -16.12 -17.94 -8.17
C PRO A 5 -16.66 -16.58 -8.61
N PRO A 6 -16.15 -15.50 -8.02
CA PRO A 6 -16.51 -14.16 -8.48
C PRO A 6 -16.18 -14.01 -9.97
N PRO A 7 -16.84 -13.08 -10.65
CA PRO A 7 -16.51 -12.81 -12.06
C PRO A 7 -15.06 -12.38 -12.22
N GLU A 8 -14.50 -12.62 -13.40
CA GLU A 8 -13.09 -12.31 -13.64
C GLU A 8 -12.83 -10.81 -13.74
N CYS A 9 -11.70 -10.36 -13.20
CA CYS A 9 -11.33 -8.94 -13.33
C CYS A 9 -10.79 -8.70 -14.74
N PRO A 10 -10.69 -7.43 -15.18
CA PRO A 10 -10.12 -7.09 -16.50
C PRO A 10 -8.71 -7.63 -16.69
N VAL A 11 -8.40 -8.09 -17.90
CA VAL A 11 -7.06 -8.53 -18.27
C VAL A 11 -6.59 -7.71 -19.46
N PHE A 12 -5.40 -7.11 -19.36
CA PHE A 12 -4.90 -6.23 -20.41
C PHE A 12 -3.68 -6.83 -21.06
N GLU A 13 -3.63 -6.71 -22.38
CA GLU A 13 -2.47 -7.10 -23.16
C GLU A 13 -1.99 -5.89 -23.96
N PRO A 14 -1.18 -5.04 -23.32
CA PRO A 14 -0.69 -3.85 -24.02
C PRO A 14 0.33 -4.19 -25.11
N SER A 15 0.30 -3.47 -26.22
CA SER A 15 1.37 -3.56 -27.21
C SER A 15 2.65 -3.00 -26.64
N TRP A 16 3.78 -3.21 -27.30
N TRP A 16 3.77 -3.24 -27.31
CA TRP A 16 5.05 -2.69 -26.81
CA TRP A 16 5.05 -2.70 -26.90
C TRP A 16 5.00 -1.16 -26.71
C TRP A 16 4.99 -1.18 -26.72
N GLU A 17 4.23 -0.53 -27.58
CA GLU A 17 4.06 0.92 -27.53
C GLU A 17 3.31 1.35 -26.28
N GLU A 18 2.15 0.73 -26.05
CA GLU A 18 1.33 0.98 -24.85
C GLU A 18 2.11 0.64 -23.60
N PHE A 19 2.88 -0.45 -23.66
CA PHE A 19 3.62 -0.96 -22.52
C PHE A 19 4.75 -0.05 -22.09
N ALA A 20 5.32 0.68 -23.05
CA ALA A 20 6.55 1.45 -22.85
C ALA A 20 6.50 2.34 -21.60
N ASP A 21 5.40 3.07 -21.42
CA ASP A 21 5.26 3.89 -20.23
C ASP A 21 4.16 3.36 -19.31
N PRO A 22 4.56 2.74 -18.18
CA PRO A 22 3.64 2.18 -17.19
C PRO A 22 2.61 3.21 -16.72
N PHE A 23 3.06 4.42 -16.40
CA PHE A 23 2.14 5.43 -15.87
C PHE A 23 1.13 5.90 -16.90
N ALA A 24 1.55 6.05 -18.15
CA ALA A 24 0.60 6.37 -19.21
C ALA A 24 -0.43 5.24 -19.36
N PHE A 25 0.07 4.01 -19.38
CA PHE A 25 -0.81 2.85 -19.54
C PHE A 25 -1.79 2.73 -18.38
N ILE A 26 -1.27 2.84 -17.17
CA ILE A 26 -2.11 2.72 -15.99
C ILE A 26 -3.20 3.79 -16.01
N HIS A 27 -2.80 5.01 -16.41
CA HIS A 27 -3.78 6.08 -16.54
C HIS A 27 -4.83 5.75 -17.60
N LYS A 28 -4.42 5.07 -18.67
CA LYS A 28 -5.39 4.71 -19.71
C LYS A 28 -6.42 3.67 -19.22
N ILE A 29 -5.96 2.62 -18.56
CA ILE A 29 -6.87 1.55 -18.11
C ILE A 29 -7.69 1.95 -16.88
N ARG A 30 -7.29 3.05 -16.25
CA ARG A 30 -7.88 3.48 -15.00
C ARG A 30 -9.43 3.56 -14.98
N PRO A 31 -10.06 4.10 -16.04
CA PRO A 31 -11.53 4.14 -15.95
C PRO A 31 -12.15 2.74 -15.87
N ILE A 32 -11.55 1.76 -16.53
CA ILE A 32 -12.03 0.38 -16.46
C ILE A 32 -11.68 -0.28 -15.12
N ALA A 33 -10.39 -0.31 -14.82
CA ALA A 33 -9.88 -1.07 -13.68
C ALA A 33 -10.32 -0.54 -12.32
N GLU A 34 -10.61 0.75 -12.22
CA GLU A 34 -11.01 1.30 -10.93
C GLU A 34 -12.43 0.88 -10.59
N GLN A 35 -13.17 0.39 -11.59
CA GLN A 35 -14.50 -0.17 -11.37
C GLN A 35 -14.41 -1.58 -10.78
N THR A 36 -13.24 -2.19 -10.91
CA THR A 36 -13.06 -3.57 -10.44
C THR A 36 -12.04 -3.73 -9.33
N GLY A 37 -11.28 -2.67 -9.05
CA GLY A 37 -10.34 -2.68 -7.94
C GLY A 37 -9.00 -3.28 -8.29
N ILE A 38 -9.01 -4.47 -8.87
CA ILE A 38 -7.75 -5.05 -9.34
C ILE A 38 -7.85 -5.29 -10.84
N CYS A 39 -6.71 -5.44 -11.49
CA CYS A 39 -6.67 -5.86 -12.88
C CYS A 39 -5.36 -6.56 -13.14
N LYS A 40 -5.30 -7.30 -14.24
CA LYS A 40 -4.12 -8.05 -14.57
C LYS A 40 -3.51 -7.49 -15.84
N VAL A 41 -2.18 -7.45 -15.88
CA VAL A 41 -1.52 -6.94 -17.07
C VAL A 41 -0.57 -7.99 -17.57
N ARG A 42 -0.78 -8.41 -18.81
CA ARG A 42 0.13 -9.34 -19.46
C ARG A 42 1.08 -8.56 -20.32
N PRO A 43 2.35 -8.61 -20.00
CA PRO A 43 3.33 -7.88 -20.80
C PRO A 43 3.39 -8.48 -22.21
N PRO A 44 3.87 -7.70 -23.20
CA PRO A 44 4.21 -8.23 -24.52
C PRO A 44 5.09 -9.47 -24.41
N PRO A 45 4.91 -10.43 -25.33
CA PRO A 45 5.45 -11.80 -25.24
C PRO A 45 6.96 -11.89 -25.05
N ASP A 46 7.71 -10.94 -25.62
CA ASP A 46 9.16 -10.97 -25.52
C ASP A 46 9.71 -10.21 -24.32
N TRP A 47 8.88 -9.36 -23.70
CA TRP A 47 9.26 -8.74 -22.43
C TRP A 47 9.43 -9.88 -21.42
N GLN A 48 10.68 -10.24 -21.17
CA GLN A 48 11.02 -11.47 -20.46
C GLN A 48 12.17 -11.21 -19.52
N PRO A 49 11.91 -10.52 -18.37
CA PRO A 49 13.01 -10.22 -17.46
C PRO A 49 13.66 -11.49 -17.00
N PRO A 50 14.99 -11.52 -17.02
CA PRO A 50 15.70 -12.72 -16.60
C PRO A 50 15.60 -12.88 -15.10
N PHE A 51 15.08 -14.01 -14.65
CA PHE A 51 15.16 -14.31 -13.24
C PHE A 51 16.33 -15.26 -13.00
N ALA A 52 17.26 -14.86 -12.13
CA ALA A 52 18.35 -15.75 -11.74
C ALA A 52 18.72 -15.53 -10.28
N CYS A 53 18.87 -16.63 -9.56
CA CYS A 53 19.20 -16.62 -8.14
C CYS A 53 19.69 -18.00 -7.73
N ASP A 54 20.43 -18.06 -6.62
CA ASP A 54 20.85 -19.35 -6.08
C ASP A 54 19.83 -19.79 -5.03
N VAL A 55 19.25 -20.95 -5.25
CA VAL A 55 18.22 -21.43 -4.35
C VAL A 55 18.81 -21.82 -3.00
N ASP A 56 20.13 -21.96 -2.93
CA ASP A 56 20.78 -22.43 -1.72
C ASP A 56 21.31 -21.29 -0.84
N LYS A 57 21.55 -20.14 -1.45
CA LYS A 57 22.17 -19.04 -0.71
C LYS A 57 21.17 -17.97 -0.33
N LEU A 58 19.95 -18.10 -0.82
CA LEU A 58 18.88 -17.24 -0.36
C LEU A 58 18.22 -17.85 0.87
N HIS A 59 18.39 -17.22 2.04
CA HIS A 59 17.79 -17.63 3.31
CA HIS A 59 17.66 -17.70 3.20
C HIS A 59 16.69 -16.63 3.68
N PHE A 60 15.67 -17.08 4.41
CA PHE A 60 14.66 -16.18 4.99
C PHE A 60 13.94 -16.87 6.13
N THR A 61 13.39 -16.05 7.02
CA THR A 61 12.68 -16.52 8.19
C THR A 61 11.21 -16.62 7.85
N PRO A 62 10.65 -17.83 7.95
CA PRO A 62 9.26 -17.99 7.52
C PRO A 62 8.26 -17.48 8.57
N ARG A 63 7.15 -16.92 8.12
CA ARG A 63 6.00 -16.67 8.98
C ARG A 63 5.10 -17.91 8.95
N ILE A 64 4.43 -18.16 10.08
CA ILE A 64 3.50 -19.28 10.18
C ILE A 64 2.07 -18.75 10.16
N GLN A 65 1.20 -19.47 9.49
CA GLN A 65 -0.13 -18.96 9.28
C GLN A 65 -1.18 -20.04 9.55
N ARG A 66 -2.13 -19.73 10.43
CA ARG A 66 -3.34 -20.55 10.58
C ARG A 66 -4.39 -20.11 9.57
N LEU A 67 -5.16 -21.07 9.07
CA LEU A 67 -6.10 -20.77 8.00
C LEU A 67 -7.56 -20.86 8.45
N ASN A 68 -8.01 -19.85 9.20
CA ASN A 68 -9.37 -19.81 9.69
C ASN A 68 -10.09 -18.54 9.26
N GLU A 69 -11.17 -18.71 8.54
CA GLU A 69 -12.00 -17.57 8.15
C GLU A 69 -12.38 -16.75 9.39
N LEU A 70 -12.35 -15.42 9.23
CA LEU A 70 -12.75 -14.45 10.26
C LEU A 70 -11.80 -14.36 11.47
N GLU A 71 -10.79 -15.22 11.53
CA GLU A 71 -9.82 -15.14 12.62
C GLU A 71 -8.82 -13.99 12.38
N ALA A 72 -8.50 -13.27 13.45
CA ALA A 72 -7.58 -12.13 13.37
C ALA A 72 -6.16 -12.57 13.08
N GLN A 73 -5.53 -11.86 12.15
CA GLN A 73 -4.11 -12.00 11.86
C GLN A 73 -3.49 -10.60 11.89
N THR A 74 -2.22 -10.50 12.25
CA THR A 74 -1.56 -9.20 12.22
C THR A 74 -0.86 -9.05 10.87
N ARG A 75 -0.91 -7.86 10.29
CA ARG A 75 -0.47 -7.66 8.91
C ARG A 75 1.03 -7.91 8.69
N VAL A 76 1.89 -7.13 9.35
CA VAL A 76 3.33 -7.33 9.17
C VAL A 76 3.97 -7.81 10.46
N LYS A 77 5.12 -8.47 10.32
CA LYS A 77 5.91 -8.89 11.48
C LYS A 77 7.40 -8.64 11.21
N ASP A 85 14.18 -21.16 9.94
CA ASP A 85 14.89 -20.56 8.80
C ASP A 85 14.99 -21.50 7.59
N TYR A 86 14.59 -21.01 6.41
CA TYR A 86 14.61 -21.82 5.18
C TYR A 86 15.54 -21.25 4.12
N THR A 87 16.09 -22.10 3.27
CA THR A 87 16.59 -21.56 2.01
C THR A 87 15.44 -21.64 1.04
N LEU A 88 15.56 -20.94 -0.07
CA LEU A 88 14.56 -21.05 -1.12
C LEU A 88 14.37 -22.52 -1.54
N ARG A 89 15.45 -23.31 -1.59
CA ARG A 89 15.32 -24.73 -1.91
C ARG A 89 14.59 -25.54 -0.84
N THR A 90 14.96 -25.36 0.42
CA THR A 90 14.33 -26.18 1.47
C THR A 90 12.86 -25.79 1.63
N PHE A 91 12.54 -24.52 1.41
CA PHE A 91 11.15 -24.10 1.46
C PHE A 91 10.39 -24.75 0.32
N GLY A 92 10.99 -24.71 -0.87
CA GLY A 92 10.40 -25.29 -2.06
C GLY A 92 10.11 -26.76 -1.87
N GLU A 93 11.07 -27.48 -1.31
CA GLU A 93 10.89 -28.90 -1.03
C GLU A 93 9.75 -29.11 -0.03
N MET A 94 9.70 -28.25 1.00
CA MET A 94 8.64 -28.37 1.99
C MET A 94 7.31 -28.10 1.34
N ALA A 95 7.25 -27.05 0.52
CA ALA A 95 6.01 -26.59 -0.08
C ALA A 95 5.41 -27.60 -1.09
N ASP A 96 6.27 -28.20 -1.91
CA ASP A 96 5.85 -29.17 -2.93
C ASP A 96 5.35 -30.46 -2.27
N ALA A 97 6.09 -30.94 -1.28
CA ALA A 97 5.72 -32.10 -0.49
C ALA A 97 4.37 -31.88 0.19
N PHE A 98 4.18 -30.68 0.76
CA PHE A 98 2.91 -30.37 1.40
C PHE A 98 1.75 -30.46 0.42
N LYS A 99 1.88 -29.80 -0.74
CA LYS A 99 0.78 -29.77 -1.70
C LYS A 99 0.53 -31.17 -2.29
N SER A 100 1.62 -31.86 -2.57
CA SER A 100 1.56 -33.20 -3.15
C SER A 100 0.86 -34.19 -2.19
N ASP A 101 1.22 -34.12 -0.91
CA ASP A 101 0.61 -34.96 0.13
C ASP A 101 -0.83 -34.58 0.45
N TYR A 102 -1.16 -33.30 0.30
CA TYR A 102 -2.50 -32.84 0.64
C TYR A 102 -3.50 -33.39 -0.34
N PHE A 103 -3.11 -33.46 -1.61
CA PHE A 103 -4.05 -33.85 -2.62
C PHE A 103 -3.78 -35.26 -3.13
N ASN A 104 -2.71 -35.88 -2.63
CA ASN A 104 -2.20 -37.15 -3.15
C ASN A 104 -2.12 -37.12 -4.68
N MET A 105 -1.48 -36.08 -5.19
CA MET A 105 -1.33 -35.88 -6.63
C MET A 105 0.01 -35.19 -6.90
N PRO A 106 0.50 -35.23 -8.15
CA PRO A 106 1.59 -34.34 -8.56
C PRO A 106 1.12 -32.87 -8.63
N VAL A 107 1.92 -31.90 -8.18
CA VAL A 107 1.46 -30.48 -8.01
C VAL A 107 0.76 -29.85 -9.25
N HIS A 108 1.20 -30.28 -10.42
CA HIS A 108 0.79 -29.68 -11.70
C HIS A 108 -0.47 -30.26 -12.26
N MET A 109 -0.96 -31.28 -11.57
CA MET A 109 -2.17 -31.91 -12.01
C MET A 109 -3.31 -31.41 -11.17
N VAL A 110 -3.02 -30.76 -10.04
CA VAL A 110 -4.08 -30.20 -9.20
C VAL A 110 -4.69 -28.96 -9.85
N PRO A 111 -5.93 -29.08 -10.32
CA PRO A 111 -6.62 -27.99 -11.01
C PRO A 111 -6.76 -26.73 -10.13
N THR A 112 -6.64 -25.54 -10.71
CA THR A 112 -6.68 -24.31 -9.93
C THR A 112 -8.06 -24.11 -9.30
N GLU A 113 -9.12 -24.50 -10.00
N GLU A 113 -9.09 -24.51 -10.04
CA GLU A 113 -10.47 -24.32 -9.48
CA GLU A 113 -10.49 -24.47 -9.61
C GLU A 113 -10.74 -25.28 -8.31
C GLU A 113 -10.69 -25.25 -8.31
N LEU A 114 -9.98 -26.37 -8.22
CA LEU A 114 -10.09 -27.27 -7.08
C LEU A 114 -9.36 -26.74 -5.86
N VAL A 115 -8.15 -26.20 -6.05
CA VAL A 115 -7.43 -25.60 -4.93
C VAL A 115 -8.23 -24.44 -4.33
N GLU A 116 -8.90 -23.67 -5.19
CA GLU A 116 -9.75 -22.57 -4.77
C GLU A 116 -10.94 -23.06 -3.95
N LYS A 117 -11.69 -24.00 -4.52
CA LYS A 117 -12.78 -24.69 -3.79
C LYS A 117 -12.30 -25.16 -2.44
N GLU A 118 -11.18 -25.86 -2.46
CA GLU A 118 -10.67 -26.47 -1.24
C GLU A 118 -10.19 -25.44 -0.26
N PHE A 119 -9.64 -24.34 -0.75
CA PHE A 119 -9.22 -23.28 0.16
C PHE A 119 -10.42 -22.79 0.94
N TRP A 120 -11.50 -22.46 0.24
CA TRP A 120 -12.63 -21.89 0.94
C TRP A 120 -13.35 -22.92 1.83
N ARG A 121 -13.27 -24.21 1.49
CA ARG A 121 -13.74 -25.24 2.39
C ARG A 121 -12.89 -25.28 3.66
N LEU A 122 -11.56 -25.36 3.51
CA LEU A 122 -10.75 -25.58 4.71
C LEU A 122 -10.73 -24.40 5.67
N VAL A 123 -10.88 -23.18 5.18
CA VAL A 123 -10.82 -22.04 6.08
C VAL A 123 -12.13 -21.88 6.89
N SER A 124 -13.21 -22.50 6.42
CA SER A 124 -14.52 -22.31 7.05
C SER A 124 -14.78 -23.43 8.06
N THR A 125 -14.12 -24.57 7.85
CA THR A 125 -14.27 -25.72 8.72
C THR A 125 -13.43 -25.57 9.99
N ILE A 126 -14.12 -25.44 11.12
CA ILE A 126 -13.47 -25.20 12.40
C ILE A 126 -12.51 -26.32 12.78
N GLU A 127 -12.82 -27.54 12.37
CA GLU A 127 -12.10 -28.73 12.81
C GLU A 127 -10.77 -28.96 12.08
N GLU A 128 -10.72 -28.54 10.81
CA GLU A 128 -9.47 -28.52 10.07
C GLU A 128 -8.53 -27.50 10.69
N ASP A 129 -7.37 -27.91 11.17
CA ASP A 129 -6.38 -26.94 11.64
C ASP A 129 -5.13 -26.99 10.75
N VAL A 130 -5.31 -26.60 9.50
CA VAL A 130 -4.23 -26.54 8.53
C VAL A 130 -3.35 -25.32 8.78
N THR A 131 -2.04 -25.51 8.97
CA THR A 131 -1.14 -24.36 9.06
C THR A 131 -0.12 -24.38 7.93
N VAL A 132 0.16 -23.21 7.35
CA VAL A 132 1.15 -23.14 6.29
C VAL A 132 2.19 -22.09 6.64
N GLU A 133 3.25 -22.01 5.84
CA GLU A 133 4.29 -21.01 6.03
C GLU A 133 4.53 -20.23 4.75
N TYR A 134 5.16 -19.07 4.89
CA TYR A 134 5.43 -18.22 3.74
C TYR A 134 6.54 -17.22 4.05
N GLY A 135 7.06 -16.59 3.02
CA GLY A 135 8.04 -15.55 3.20
C GLY A 135 7.46 -14.22 2.78
N ALA A 136 7.68 -13.19 3.60
CA ALA A 136 7.36 -11.82 3.23
C ALA A 136 8.37 -10.88 3.87
N ASP A 137 9.18 -10.20 3.05
CA ASP A 137 10.23 -9.29 3.53
C ASP A 137 10.57 -8.26 2.47
N ILE A 138 11.07 -7.09 2.89
CA ILE A 138 11.55 -6.14 1.89
C ILE A 138 12.88 -6.65 1.40
N ALA A 139 13.26 -6.20 0.20
CA ALA A 139 14.55 -6.56 -0.36
C ALA A 139 15.68 -6.16 0.61
N SER A 140 16.63 -7.08 0.79
CA SER A 140 17.83 -6.83 1.58
C SER A 140 19.04 -7.46 0.88
N LYS A 141 20.12 -7.68 1.61
CA LYS A 141 21.32 -8.28 1.02
C LYS A 141 21.33 -9.79 1.20
N GLU A 142 20.62 -10.28 2.22
CA GLU A 142 20.45 -11.73 2.41
C GLU A 142 19.42 -12.27 1.42
N PHE A 143 18.61 -11.37 0.88
CA PHE A 143 17.53 -11.72 -0.03
C PHE A 143 17.07 -10.49 -0.84
N GLY A 144 17.50 -10.42 -2.11
CA GLY A 144 17.30 -9.23 -2.90
C GLY A 144 16.23 -9.32 -3.98
N SER A 145 16.00 -8.21 -4.67
CA SER A 145 15.01 -8.15 -5.73
C SER A 145 15.18 -9.27 -6.77
N GLY A 146 14.08 -9.73 -7.33
CA GLY A 146 14.11 -10.69 -8.41
C GLY A 146 14.33 -10.00 -9.74
N PHE A 147 14.20 -8.67 -9.75
CA PHE A 147 14.52 -7.89 -10.94
C PHE A 147 16.00 -7.53 -10.95
N PRO A 148 16.59 -7.31 -12.15
CA PRO A 148 17.98 -6.88 -12.23
C PRO A 148 18.20 -5.55 -11.52
N VAL A 149 19.25 -5.45 -10.71
CA VAL A 149 19.63 -4.18 -10.08
C VAL A 149 21.12 -3.89 -10.33
N ARG A 150 21.54 -2.67 -10.01
CA ARG A 150 22.93 -2.29 -10.25
C ARG A 150 23.86 -2.67 -9.09
N ASP A 151 25.02 -3.20 -9.45
CA ASP A 151 26.04 -3.64 -8.50
C ASP A 151 27.34 -3.94 -9.24
N ILE A 154 28.97 -6.78 -9.10
CA ILE A 154 28.52 -7.89 -9.94
C ILE A 154 28.16 -7.41 -11.35
N LYS A 155 28.73 -8.08 -12.35
CA LYS A 155 28.52 -7.71 -13.75
C LYS A 155 27.30 -8.41 -14.36
N LEU A 156 26.51 -7.65 -15.11
CA LEU A 156 25.24 -8.14 -15.65
C LEU A 156 25.35 -8.52 -17.12
N SER A 157 24.62 -9.56 -17.50
CA SER A 157 24.52 -9.99 -18.90
C SER A 157 23.83 -8.91 -19.71
N PRO A 158 24.10 -8.85 -21.03
CA PRO A 158 23.37 -7.90 -21.86
C PRO A 158 21.85 -7.95 -21.68
N GLU A 159 21.28 -9.10 -21.32
CA GLU A 159 19.83 -9.16 -21.17
C GLU A 159 19.37 -8.47 -19.88
N GLU A 160 20.04 -8.74 -18.77
CA GLU A 160 19.74 -8.08 -17.51
C GLU A 160 19.79 -6.54 -17.68
N GLU A 161 20.75 -6.07 -18.47
CA GLU A 161 20.95 -4.65 -18.68
C GLU A 161 19.75 -4.03 -19.41
N GLU A 162 19.20 -4.76 -20.38
CA GLU A 162 17.96 -4.34 -21.04
C GLU A 162 16.79 -4.01 -20.10
N TYR A 163 16.73 -4.69 -18.96
CA TYR A 163 15.60 -4.56 -18.05
C TYR A 163 15.94 -3.71 -16.82
N LEU A 164 17.18 -3.26 -16.74
CA LEU A 164 17.64 -2.46 -15.60
C LEU A 164 16.81 -1.19 -15.41
N ASP A 165 16.40 -0.60 -16.53
CA ASP A 165 15.77 0.70 -16.47
C ASP A 165 14.34 0.63 -16.97
N SER A 166 13.77 -0.57 -16.95
CA SER A 166 12.38 -0.70 -17.31
C SER A 166 11.49 0.02 -16.29
N GLY A 167 10.47 0.70 -16.76
CA GLY A 167 9.45 1.21 -15.86
C GLY A 167 8.81 0.09 -15.03
N TRP A 168 8.67 -1.09 -15.63
CA TRP A 168 8.03 -2.23 -14.97
C TRP A 168 8.98 -3.04 -14.11
N ASN A 169 10.25 -2.66 -14.10
CA ASN A 169 11.17 -3.17 -13.11
C ASN A 169 10.76 -2.52 -11.79
N LEU A 170 10.19 -3.30 -10.87
CA LEU A 170 9.52 -2.69 -9.71
C LEU A 170 10.47 -1.90 -8.78
N ASN A 171 11.78 -2.06 -8.93
CA ASN A 171 12.71 -1.15 -8.26
C ASN A 171 12.68 0.28 -8.81
N ASN A 172 12.41 0.42 -10.09
CA ASN A 172 12.38 1.74 -10.72
C ASN A 172 11.05 2.46 -10.47
N MET A 173 9.99 1.67 -10.38
CA MET A 173 8.63 2.17 -10.23
C MET A 173 8.48 3.31 -9.19
N PRO A 174 9.10 3.17 -7.99
CA PRO A 174 9.08 4.32 -7.06
C PRO A 174 9.65 5.63 -7.61
N VAL A 175 10.85 5.60 -8.17
CA VAL A 175 11.61 6.83 -8.42
C VAL A 175 11.40 7.41 -9.80
N MET A 176 10.32 7.01 -10.47
CA MET A 176 10.00 7.58 -11.78
C MET A 176 9.51 9.02 -11.67
N GLU A 177 9.26 9.63 -12.82
CA GLU A 177 8.94 11.05 -12.91
C GLU A 177 7.46 11.34 -12.61
N GLN A 178 6.56 10.56 -13.23
CA GLN A 178 5.12 10.75 -13.02
C GLN A 178 4.63 10.10 -11.72
N SER A 179 5.57 9.55 -10.97
CA SER A 179 5.30 9.06 -9.64
C SER A 179 5.33 10.21 -8.63
N VAL A 180 4.78 10.00 -7.44
CA VAL A 180 4.62 11.09 -6.47
C VAL A 180 5.38 10.84 -5.16
N LEU A 181 5.49 9.58 -4.75
CA LEU A 181 6.15 9.22 -3.50
C LEU A 181 7.67 9.08 -3.63
N ALA A 182 8.24 9.56 -4.74
CA ALA A 182 9.67 9.38 -5.02
C ALA A 182 10.55 10.25 -4.16
N HIS A 183 10.16 11.52 -4.07
CA HIS A 183 11.03 12.52 -3.44
C HIS A 183 10.66 12.76 -1.99
N ILE A 184 9.66 12.03 -1.50
CA ILE A 184 9.64 11.77 -0.06
C ILE A 184 10.93 11.04 0.20
N THR A 185 11.68 11.45 1.21
CA THR A 185 12.68 10.55 1.72
C THR A 185 12.77 10.77 3.22
N ALA A 186 11.60 10.82 3.85
CA ALA A 186 11.47 10.66 5.29
C ALA A 186 11.47 9.16 5.60
N ILE A 188 10.52 6.12 5.08
CA ILE A 188 9.38 5.31 4.66
C ILE A 188 9.81 4.07 3.87
N CYS A 189 10.92 3.46 4.28
CA CYS A 189 11.47 2.31 3.57
C CYS A 189 10.49 1.13 3.50
N GLY A 190 9.70 0.95 4.55
CA GLY A 190 8.71 -0.10 4.59
C GLY A 190 7.62 0.07 3.54
N MET A 191 7.59 1.24 2.91
CA MET A 191 6.51 1.59 2.00
C MET A 191 6.85 1.57 0.52
N LYS A 192 8.04 2.04 0.12
CA LYS A 192 8.34 2.08 -1.32
C LYS A 192 9.62 1.35 -1.75
N LEU A 193 10.11 0.49 -0.89
CA LEU A 193 11.01 -0.57 -1.30
C LEU A 193 10.12 -1.75 -1.68
N PRO A 194 10.53 -2.52 -2.70
CA PRO A 194 9.75 -3.71 -3.06
C PRO A 194 9.75 -4.74 -1.94
N TRP A 195 8.65 -5.46 -1.80
CA TRP A 195 8.61 -6.62 -0.92
C TRP A 195 8.71 -7.89 -1.75
N LEU A 196 9.39 -8.88 -1.21
CA LEU A 196 9.53 -10.19 -1.81
C LEU A 196 8.62 -11.17 -1.08
N TYR A 197 7.85 -11.95 -1.82
CA TYR A 197 6.94 -12.96 -1.23
C TYR A 197 7.20 -14.37 -1.75
N VAL A 198 7.53 -15.29 -0.84
CA VAL A 198 7.69 -16.70 -1.21
C VAL A 198 6.41 -17.43 -0.78
N GLY A 199 5.63 -17.93 -1.74
CA GLY A 199 4.37 -18.59 -1.41
C GLY A 199 4.44 -20.13 -1.40
N MET A 200 3.44 -20.74 -0.77
CA MET A 200 3.19 -22.18 -0.91
C MET A 200 1.67 -22.38 -1.04
N CYS A 201 1.23 -23.62 -1.29
CA CYS A 201 -0.20 -23.89 -1.43
C CYS A 201 -1.01 -23.38 -0.22
N PHE A 202 -2.01 -22.54 -0.48
CA PHE A 202 -2.94 -22.00 0.55
C PHE A 202 -2.40 -20.84 1.41
N SER A 203 -1.10 -20.52 1.33
CA SER A 203 -0.61 -19.36 2.06
C SER A 203 -1.36 -18.16 1.52
N SER A 204 -1.82 -17.28 2.40
CA SER A 204 -2.77 -16.29 1.93
C SER A 204 -2.49 -14.89 2.43
N PHE A 205 -3.04 -13.94 1.71
CA PHE A 205 -2.93 -12.56 2.16
C PHE A 205 -4.35 -12.10 2.47
N CYS A 206 -4.54 -11.62 3.70
CA CYS A 206 -5.88 -11.24 4.18
C CYS A 206 -6.41 -10.00 3.50
N TRP A 207 -7.71 -9.76 3.64
CA TRP A 207 -8.30 -8.54 3.07
C TRP A 207 -7.63 -7.26 3.60
N HIS A 208 -7.21 -6.39 2.71
CA HIS A 208 -6.63 -5.10 3.14
C HIS A 208 -6.63 -4.11 1.99
N ILE A 209 -6.33 -2.87 2.35
CA ILE A 209 -6.01 -1.84 1.37
C ILE A 209 -4.62 -1.32 1.72
N GLU A 210 -3.97 -0.66 0.77
CA GLU A 210 -2.59 -0.22 0.99
C GLU A 210 -2.56 1.02 1.89
N ASP A 211 -1.47 1.16 2.62
CA ASP A 211 -1.22 2.38 3.39
C ASP A 211 -1.41 3.61 2.51
N HIS A 212 -2.07 4.62 3.08
CA HIS A 212 -2.41 5.87 2.39
C HIS A 212 -3.21 5.68 1.09
N TRP A 213 -3.90 4.55 0.97
CA TRP A 213 -4.72 4.24 -0.20
C TRP A 213 -3.91 4.31 -1.48
N SER A 214 -2.64 3.91 -1.39
CA SER A 214 -1.82 3.92 -2.61
C SER A 214 -2.22 2.80 -3.57
N TYR A 215 -1.69 2.88 -4.78
CA TYR A 215 -1.65 1.77 -5.72
C TYR A 215 -0.68 0.71 -5.24
N SER A 216 -0.83 -0.52 -5.73
CA SER A 216 0.25 -1.48 -5.62
C SER A 216 0.34 -2.21 -6.95
N ILE A 217 1.50 -2.80 -7.20
CA ILE A 217 1.72 -3.55 -8.42
C ILE A 217 2.52 -4.74 -7.99
N ASN A 218 2.07 -5.91 -8.45
N ASN A 218 2.12 -5.89 -8.53
CA ASN A 218 2.63 -7.18 -8.04
CA ASN A 218 2.59 -7.17 -8.05
C ASN A 218 3.06 -7.97 -9.26
C ASN A 218 3.04 -8.03 -9.24
N TYR A 219 4.29 -8.45 -9.22
CA TYR A 219 4.81 -9.25 -10.31
C TYR A 219 5.08 -10.63 -9.79
N LEU A 220 4.52 -11.62 -10.48
CA LEU A 220 4.82 -13.00 -10.12
C LEU A 220 6.01 -13.47 -10.96
N HIS A 221 7.16 -13.68 -10.33
CA HIS A 221 8.36 -13.97 -11.10
C HIS A 221 8.32 -15.38 -11.71
N TRP A 222 7.96 -16.35 -10.88
CA TRP A 222 7.86 -17.74 -11.27
C TRP A 222 7.04 -18.57 -10.27
N GLY A 223 6.65 -19.76 -10.72
CA GLY A 223 6.01 -20.76 -9.89
C GLY A 223 4.54 -20.85 -10.22
N GLU A 224 3.80 -21.46 -9.32
CA GLU A 224 2.38 -21.71 -9.55
C GLU A 224 1.57 -20.42 -9.30
N PRO A 225 0.36 -20.34 -9.85
CA PRO A 225 -0.34 -19.06 -9.84
C PRO A 225 -0.69 -18.55 -8.44
N LYS A 226 -1.03 -17.27 -8.41
CA LYS A 226 -1.51 -16.62 -7.19
C LYS A 226 -2.94 -16.22 -7.49
N THR A 227 -3.88 -16.63 -6.63
CA THR A 227 -5.28 -16.31 -6.87
C THR A 227 -5.67 -15.03 -6.13
N TRP A 228 -6.32 -14.08 -6.81
CA TRP A 228 -6.67 -12.79 -6.23
C TRP A 228 -8.18 -12.56 -6.17
N TYR A 229 -8.64 -11.88 -5.12
CA TYR A 229 -9.96 -11.25 -5.10
C TYR A 229 -9.81 -9.76 -4.83
N GLY A 230 -10.57 -8.93 -5.53
CA GLY A 230 -10.46 -7.50 -5.42
C GLY A 230 -11.81 -6.85 -5.44
N VAL A 231 -11.88 -5.73 -4.74
CA VAL A 231 -13.10 -4.92 -4.61
C VAL A 231 -12.78 -3.48 -5.03
N PRO A 232 -13.64 -2.85 -5.85
CA PRO A 232 -13.31 -1.49 -6.29
C PRO A 232 -13.34 -0.50 -5.15
N GLY A 233 -12.57 0.58 -5.27
CA GLY A 233 -12.48 1.60 -4.23
C GLY A 233 -13.80 2.18 -3.74
N TYR A 234 -14.76 2.33 -4.65
CA TYR A 234 -16.02 2.93 -4.26
C TYR A 234 -16.78 2.06 -3.27
N ALA A 235 -16.40 0.79 -3.17
CA ALA A 235 -17.14 -0.15 -2.34
C ALA A 235 -16.43 -0.41 -1.02
N ALA A 236 -15.36 0.31 -0.75
CA ALA A 236 -14.56 0.04 0.45
C ALA A 236 -15.38 0.10 1.74
N GLU A 237 -16.22 1.12 1.86
CA GLU A 237 -16.96 1.28 3.11
C GLU A 237 -18.08 0.24 3.24
N GLN A 238 -18.66 -0.21 2.11
CA GLN A 238 -19.59 -1.34 2.18
C GLN A 238 -18.89 -2.54 2.78
N LEU A 239 -17.71 -2.83 2.25
CA LEU A 239 -16.97 -4.01 2.68
C LEU A 239 -16.66 -3.93 4.17
N GLU A 240 -16.25 -2.77 4.63
CA GLU A 240 -15.90 -2.60 6.04
C GLU A 240 -17.13 -2.75 6.93
N ASN A 241 -18.27 -2.27 6.47
CA ASN A 241 -19.51 -2.47 7.20
C ASN A 241 -19.83 -3.96 7.32
N VAL A 242 -19.68 -4.70 6.23
CA VAL A 242 -19.92 -6.13 6.26
C VAL A 242 -18.97 -6.79 7.25
N MET A 243 -17.70 -6.38 7.23
CA MET A 243 -16.73 -7.01 8.06
C MET A 243 -16.90 -6.64 9.54
N LYS A 244 -17.34 -5.41 9.79
CA LYS A 244 -17.57 -4.98 11.16
C LYS A 244 -18.68 -5.81 11.79
N LYS A 245 -19.73 -6.09 11.02
CA LYS A 245 -20.83 -6.90 11.51
C LYS A 245 -20.35 -8.31 11.87
N LEU A 246 -19.56 -8.93 10.99
CA LEU A 246 -19.18 -10.32 11.14
C LEU A 246 -17.93 -10.58 11.98
N ALA A 247 -17.13 -9.54 12.23
CA ALA A 247 -15.94 -9.71 13.07
C ALA A 247 -15.45 -8.38 13.67
N PRO A 248 -16.23 -7.82 14.61
CA PRO A 248 -15.94 -6.49 15.18
C PRO A 248 -14.57 -6.41 15.89
N GLU A 249 -14.05 -7.57 16.33
CA GLU A 249 -12.73 -7.65 16.97
C GLU A 249 -11.62 -7.04 16.11
N LEU A 250 -11.78 -7.08 14.78
CA LEU A 250 -10.81 -6.51 13.87
C LEU A 250 -10.79 -4.99 13.91
N PHE A 251 -11.78 -4.40 14.59
CA PHE A 251 -11.99 -2.97 14.46
C PHE A 251 -11.71 -2.18 15.75
N VAL A 252 -11.39 -2.88 16.82
CA VAL A 252 -10.93 -2.20 18.04
C VAL A 252 -9.62 -1.47 17.74
N SER A 253 -9.38 -0.35 18.43
CA SER A 253 -8.21 0.50 18.13
C SER A 253 -6.90 -0.19 18.48
N GLN A 254 -5.85 0.11 17.72
CA GLN A 254 -4.57 -0.56 17.89
C GLN A 254 -3.43 0.43 18.15
N PRO A 255 -2.47 0.04 19.02
CA PRO A 255 -1.40 0.92 19.50
C PRO A 255 -0.51 1.51 18.40
N ASP A 256 -0.46 0.88 17.22
CA ASP A 256 0.28 1.43 16.08
C ASP A 256 -0.03 0.72 14.76
N LEU A 257 0.92 0.81 13.83
CA LEU A 257 0.74 0.27 12.49
C LEU A 257 1.29 -1.14 12.34
N LEU A 258 2.13 -1.56 13.28
CA LEU A 258 2.63 -2.92 13.30
C LEU A 258 1.64 -3.82 14.03
N HIS A 259 0.41 -3.34 14.15
CA HIS A 259 -0.60 -4.01 14.93
C HIS A 259 -1.95 -4.11 14.21
N GLN A 260 -2.01 -3.59 12.99
CA GLN A 260 -3.23 -3.68 12.17
C GLN A 260 -3.76 -5.11 12.11
N LEU A 261 -5.06 -5.29 12.35
CA LEU A 261 -5.63 -6.63 12.34
C LEU A 261 -6.36 -6.86 11.03
N VAL A 262 -6.12 -8.02 10.43
CA VAL A 262 -6.75 -8.36 9.16
C VAL A 262 -7.26 -9.80 9.19
N THR A 263 -8.09 -10.17 8.21
CA THR A 263 -8.67 -11.50 8.20
C THR A 263 -8.99 -12.06 6.80
N ILE A 264 -9.05 -13.40 6.74
CA ILE A 264 -9.61 -14.14 5.61
C ILE A 264 -11.13 -14.08 5.63
N MET A 265 -11.75 -13.80 4.49
CA MET A 265 -13.20 -13.85 4.42
C MET A 265 -13.67 -14.20 3.03
N ASN A 266 -14.59 -15.16 2.97
CA ASN A 266 -15.12 -15.68 1.70
C ASN A 266 -15.71 -14.58 0.83
N PRO A 267 -15.22 -14.42 -0.39
CA PRO A 267 -15.81 -13.39 -1.27
C PRO A 267 -17.32 -13.56 -1.46
N ASN A 268 -17.81 -14.81 -1.39
CA ASN A 268 -19.25 -15.06 -1.56
C ASN A 268 -20.05 -14.37 -0.43
N THR A 269 -19.46 -14.34 0.77
CA THR A 269 -20.09 -13.59 1.86
C THR A 269 -20.26 -12.12 1.48
N LEU A 270 -19.21 -11.52 0.91
CA LEU A 270 -19.28 -10.13 0.49
C LEU A 270 -20.32 -9.92 -0.61
N MET A 271 -20.32 -10.85 -1.57
CA MET A 271 -21.20 -10.73 -2.72
C MET A 271 -22.67 -10.85 -2.31
N THR A 272 -22.93 -11.59 -1.24
CA THR A 272 -24.27 -11.77 -0.68
C THR A 272 -24.74 -10.45 -0.08
N HIS A 273 -23.79 -9.68 0.46
CA HIS A 273 -24.12 -8.39 1.03
C HIS A 273 -23.90 -7.26 0.03
N GLU A 274 -23.96 -7.61 -1.26
CA GLU A 274 -23.98 -6.66 -2.37
C GLU A 274 -22.68 -5.89 -2.55
N VAL A 275 -21.59 -6.45 -2.06
CA VAL A 275 -20.25 -5.93 -2.36
C VAL A 275 -19.71 -6.56 -3.64
N PRO A 276 -19.43 -5.75 -4.67
CA PRO A 276 -18.87 -6.34 -5.90
C PRO A 276 -17.46 -6.87 -5.69
N VAL A 277 -17.23 -8.12 -6.09
CA VAL A 277 -15.92 -8.75 -5.97
C VAL A 277 -15.50 -9.33 -7.32
N TYR A 278 -14.22 -9.22 -7.67
CA TYR A 278 -13.68 -9.80 -8.88
C TYR A 278 -12.54 -10.72 -8.53
N ARG A 279 -12.22 -11.66 -9.43
CA ARG A 279 -11.14 -12.59 -9.15
C ARG A 279 -10.17 -12.64 -10.31
N THR A 280 -9.01 -13.21 -10.07
CA THR A 280 -8.14 -13.60 -11.16
C THR A 280 -7.12 -14.60 -10.66
N ASN A 281 -6.63 -15.44 -11.57
CA ASN A 281 -5.42 -16.22 -11.31
C ASN A 281 -4.28 -15.52 -12.01
N GLN A 282 -3.31 -15.09 -11.21
CA GLN A 282 -2.11 -14.46 -11.74
C GLN A 282 -1.09 -15.54 -11.97
N CYS A 283 -0.65 -15.70 -13.22
CA CYS A 283 0.39 -16.67 -13.52
C CYS A 283 1.74 -16.00 -13.66
N ALA A 284 2.79 -16.84 -13.60
CA ALA A 284 4.17 -16.41 -13.75
C ALA A 284 4.31 -15.48 -14.95
N GLY A 285 4.98 -14.35 -14.77
CA GLY A 285 5.17 -13.38 -15.85
C GLY A 285 4.06 -12.37 -15.99
N GLU A 286 3.08 -12.41 -15.08
CA GLU A 286 1.99 -11.45 -15.18
C GLU A 286 1.99 -10.49 -13.99
N PHE A 287 1.42 -9.31 -14.23
CA PHE A 287 1.28 -8.26 -13.23
C PHE A 287 -0.13 -8.19 -12.74
N VAL A 288 -0.29 -7.97 -11.44
CA VAL A 288 -1.57 -7.52 -10.92
C VAL A 288 -1.43 -6.09 -10.36
N ILE A 289 -2.37 -5.22 -10.70
CA ILE A 289 -2.34 -3.86 -10.20
C ILE A 289 -3.56 -3.62 -9.33
N THR A 290 -3.36 -3.07 -8.13
CA THR A 290 -4.50 -2.67 -7.30
C THR A 290 -4.60 -1.15 -7.24
N PHE A 291 -5.84 -0.67 -7.28
CA PHE A 291 -6.10 0.77 -7.34
C PHE A 291 -6.36 1.35 -5.95
N PRO A 292 -6.36 2.70 -5.85
CA PRO A 292 -6.51 3.28 -4.50
C PRO A 292 -7.77 2.84 -3.77
N ARG A 293 -7.63 2.43 -2.52
N ARG A 293 -7.59 2.44 -2.52
CA ARG A 293 -8.78 2.08 -1.68
CA ARG A 293 -8.65 2.01 -1.61
C ARG A 293 -9.50 0.83 -2.22
C ARG A 293 -9.40 0.76 -2.08
N ALA A 294 -8.80 0.02 -3.00
CA ALA A 294 -9.36 -1.26 -3.49
C ALA A 294 -8.95 -2.42 -2.58
N TYR A 295 -9.91 -2.94 -1.83
CA TYR A 295 -9.66 -4.09 -0.98
C TYR A 295 -9.24 -5.30 -1.81
N HIS A 296 -8.31 -6.10 -1.30
CA HIS A 296 -7.94 -7.32 -2.00
C HIS A 296 -7.39 -8.32 -1.02
N SER A 297 -7.39 -9.58 -1.47
CA SER A 297 -6.96 -10.73 -0.70
C SER A 297 -6.73 -11.86 -1.67
N GLY A 298 -6.17 -12.95 -1.19
CA GLY A 298 -6.00 -14.09 -2.07
C GLY A 298 -5.15 -15.15 -1.44
N PHE A 299 -4.66 -16.07 -2.25
CA PHE A 299 -3.87 -17.17 -1.74
C PHE A 299 -3.05 -17.73 -2.89
N ASN A 300 -1.96 -18.39 -2.52
CA ASN A 300 -1.12 -19.03 -3.51
C ASN A 300 -1.58 -20.46 -3.82
N GLN A 301 -1.50 -20.82 -5.09
CA GLN A 301 -1.79 -22.17 -5.56
C GLN A 301 -0.71 -23.18 -5.22
N GLY A 302 0.52 -22.70 -5.05
CA GLY A 302 1.63 -23.59 -4.81
C GLY A 302 2.87 -22.73 -4.65
N PHE A 303 4.03 -23.39 -4.56
CA PHE A 303 5.34 -22.73 -4.47
C PHE A 303 5.49 -21.66 -5.56
N ASN A 304 5.71 -20.42 -5.13
CA ASN A 304 5.94 -19.35 -6.08
C ASN A 304 6.73 -18.18 -5.47
N PHE A 305 7.03 -17.18 -6.30
CA PHE A 305 7.88 -16.06 -5.89
C PHE A 305 7.41 -14.80 -6.55
N ALA A 306 7.02 -13.84 -5.72
CA ALA A 306 6.42 -12.63 -6.21
C ALA A 306 7.12 -11.43 -5.62
N GLU A 307 6.93 -10.29 -6.26
CA GLU A 307 7.55 -9.05 -5.84
C GLU A 307 6.55 -7.96 -6.08
N ALA A 308 6.43 -7.05 -5.11
CA ALA A 308 5.39 -6.05 -5.18
C ALA A 308 5.86 -4.70 -4.60
N VAL A 309 5.24 -3.62 -5.05
CA VAL A 309 5.64 -2.32 -4.54
C VAL A 309 4.45 -1.38 -4.57
N ASN A 310 4.41 -0.50 -3.59
CA ASN A 310 3.39 0.56 -3.55
C ASN A 310 3.79 1.69 -4.49
N PHE A 311 2.82 2.41 -5.00
CA PHE A 311 3.15 3.62 -5.72
C PHE A 311 1.97 4.57 -5.77
N CYS A 312 2.27 5.82 -6.12
CA CYS A 312 1.27 6.89 -6.14
C CYS A 312 1.45 7.75 -7.37
N THR A 313 0.39 7.85 -8.16
CA THR A 313 0.38 8.67 -9.35
C THR A 313 -0.22 10.02 -9.02
N VAL A 314 -0.26 10.93 -10.00
CA VAL A 314 -0.86 12.24 -9.81
C VAL A 314 -2.37 12.11 -9.56
N ASP A 315 -2.98 11.12 -10.20
CA ASP A 315 -4.37 10.75 -9.98
C ASP A 315 -4.66 10.59 -8.48
N TRP A 316 -3.70 10.01 -7.77
CA TRP A 316 -3.92 9.59 -6.40
C TRP A 316 -3.91 10.76 -5.41
N LEU A 317 -3.23 11.86 -5.74
CA LEU A 317 -3.02 12.95 -4.77
C LEU A 317 -4.27 13.36 -3.98
N PRO A 318 -5.41 13.63 -4.65
CA PRO A 318 -6.57 14.00 -3.84
C PRO A 318 -7.03 12.91 -2.88
N LEU A 319 -6.92 11.65 -3.29
CA LEU A 319 -7.33 10.55 -2.43
C LEU A 319 -6.39 10.41 -1.25
N GLY A 320 -5.11 10.68 -1.49
CA GLY A 320 -4.16 10.65 -0.39
C GLY A 320 -4.54 11.64 0.71
N ARG A 321 -5.03 12.82 0.31
CA ARG A 321 -5.49 13.80 1.29
C ARG A 321 -6.74 13.28 2.01
N GLN A 322 -7.68 12.71 1.26
N GLN A 322 -7.69 12.71 1.27
CA GLN A 322 -8.88 12.14 1.85
CA GLN A 322 -8.89 12.14 1.90
C GLN A 322 -8.55 10.98 2.78
C GLN A 322 -8.52 11.00 2.84
N CYS A 323 -7.53 10.21 2.45
CA CYS A 323 -7.10 9.10 3.30
C CYS A 323 -6.59 9.57 4.66
N VAL A 324 -5.79 10.63 4.67
CA VAL A 324 -5.22 11.12 5.93
C VAL A 324 -6.30 11.67 6.84
N GLU A 325 -7.29 12.32 6.24
CA GLU A 325 -8.47 12.74 6.96
C GLU A 325 -9.20 11.53 7.56
N HIS A 326 -9.35 10.48 6.77
CA HIS A 326 -9.99 9.27 7.25
C HIS A 326 -9.19 8.62 8.38
N TYR A 327 -7.86 8.62 8.27
CA TYR A 327 -7.05 8.15 9.39
C TYR A 327 -7.31 8.97 10.65
N ARG A 328 -7.49 10.27 10.48
N ARG A 328 -7.50 10.27 10.45
CA ARG A 328 -7.69 11.14 11.64
CA ARG A 328 -7.71 11.21 11.53
C ARG A 328 -8.98 10.73 12.34
C ARG A 328 -8.98 10.84 12.31
N LEU A 329 -10.06 10.59 11.56
CA LEU A 329 -11.34 10.17 12.13
C LEU A 329 -11.22 8.83 12.86
N LEU A 330 -10.33 7.96 12.38
CA LEU A 330 -10.15 6.63 12.96
C LEU A 330 -9.07 6.58 14.00
N HIS A 331 -8.40 7.71 14.23
CA HIS A 331 -7.24 7.74 15.11
C HIS A 331 -6.18 6.73 14.66
N ARG A 332 -6.03 6.54 13.35
CA ARG A 332 -5.01 5.62 12.82
C ARG A 332 -3.68 6.35 12.53
N TYR A 333 -2.56 5.71 12.85
CA TYR A 333 -1.25 6.29 12.58
C TYR A 333 -0.98 6.45 11.07
N CYS A 334 -0.23 7.49 10.71
CA CYS A 334 0.16 7.74 9.32
C CYS A 334 1.52 7.13 9.06
N VAL A 335 1.80 6.76 7.80
CA VAL A 335 3.15 6.32 7.46
C VAL A 335 4.04 7.53 7.20
N PHE A 336 3.47 8.55 6.56
CA PHE A 336 4.16 9.82 6.32
C PHE A 336 3.15 10.97 6.40
N SER A 337 3.67 12.19 6.46
CA SER A 337 2.81 13.37 6.32
C SER A 337 2.58 13.70 4.86
N HIS A 338 1.32 13.66 4.45
CA HIS A 338 0.91 14.05 3.12
C HIS A 338 1.27 15.53 2.83
N ASP A 339 1.00 16.42 3.78
CA ASP A 339 1.31 17.85 3.57
C ASP A 339 2.82 18.06 3.40
N GLU A 340 3.60 17.36 4.21
CA GLU A 340 5.03 17.43 4.10
C GLU A 340 5.48 17.00 2.71
N MET A 341 4.87 15.95 2.19
CA MET A 341 5.23 15.51 0.84
C MET A 341 4.89 16.55 -0.22
N ILE A 342 3.72 17.16 -0.11
CA ILE A 342 3.27 18.19 -1.05
C ILE A 342 4.21 19.40 -1.04
N CYS A 343 4.54 19.86 0.17
CA CYS A 343 5.41 21.02 0.32
C CYS A 343 6.80 20.70 -0.16
N LYS A 344 7.25 19.47 0.06
CA LYS A 344 8.56 19.03 -0.45
C LYS A 344 8.56 19.15 -1.98
N MET A 345 7.50 18.67 -2.61
CA MET A 345 7.43 18.80 -4.07
C MET A 345 7.34 20.26 -4.52
N ALA A 346 6.50 21.06 -3.87
CA ALA A 346 6.39 22.49 -4.18
C ALA A 346 7.76 23.17 -4.12
N SER A 347 8.54 22.80 -3.10
CA SER A 347 9.87 23.36 -2.94
C SER A 347 10.84 22.92 -4.04
N LYS A 348 10.47 21.91 -4.82
CA LYS A 348 11.29 21.47 -5.96
C LYS A 348 10.54 21.69 -7.28
N ALA A 349 9.67 22.69 -7.30
CA ALA A 349 8.77 22.90 -8.43
C ALA A 349 9.50 22.99 -9.77
N ASP A 350 10.70 23.58 -9.80
CA ASP A 350 11.38 23.77 -11.07
C ASP A 350 11.86 22.48 -11.76
N VAL A 351 12.01 21.39 -11.03
CA VAL A 351 12.43 20.13 -11.66
C VAL A 351 11.28 19.14 -11.81
N LEU A 352 10.09 19.51 -11.35
CA LEU A 352 8.96 18.60 -11.43
C LEU A 352 8.48 18.43 -12.86
N ASP A 353 8.00 17.23 -13.16
CA ASP A 353 7.20 16.98 -14.34
C ASP A 353 6.07 18.03 -14.39
N VAL A 354 5.68 18.47 -15.58
CA VAL A 354 4.73 19.58 -15.63
C VAL A 354 3.29 19.20 -15.28
N VAL A 355 2.91 17.95 -15.50
CA VAL A 355 1.56 17.52 -15.11
C VAL A 355 1.53 17.34 -13.61
N VAL A 356 2.63 16.81 -13.08
CA VAL A 356 2.82 16.72 -11.65
C VAL A 356 2.68 18.08 -10.98
N ALA A 357 3.35 19.10 -11.55
CA ALA A 357 3.30 20.44 -10.98
C ALA A 357 1.87 20.95 -10.94
N SER A 358 1.14 20.74 -12.02
CA SER A 358 -0.24 21.20 -12.10
C SER A 358 -1.14 20.53 -11.05
N THR A 359 -0.90 19.24 -10.81
CA THR A 359 -1.72 18.49 -9.85
C THR A 359 -1.32 18.80 -8.40
N VAL A 360 -0.04 18.95 -8.15
CA VAL A 360 0.43 19.36 -6.84
C VAL A 360 -0.15 20.73 -6.48
N GLN A 361 -0.19 21.60 -7.49
CA GLN A 361 -0.66 22.96 -7.26
C GLN A 361 -2.11 22.94 -6.75
N LYS A 362 -2.92 22.09 -7.35
CA LYS A 362 -4.31 21.99 -6.95
C LYS A 362 -4.45 21.43 -5.54
N ASP A 363 -3.64 20.43 -5.17
CA ASP A 363 -3.75 19.88 -3.83
C ASP A 363 -3.22 20.89 -2.81
N MET A 364 -2.18 21.63 -3.20
CA MET A 364 -1.66 22.62 -2.30
C MET A 364 -2.67 23.73 -2.00
N ALA A 365 -3.41 24.14 -3.02
CA ALA A 365 -4.41 25.19 -2.85
C ALA A 365 -5.47 24.76 -1.86
N ILE A 366 -5.87 23.49 -1.94
CA ILE A 366 -6.85 22.98 -1.00
C ILE A 366 -6.24 22.95 0.41
N MET A 367 -5.00 22.45 0.51
CA MET A 367 -4.28 22.43 1.77
C MET A 367 -4.28 23.82 2.42
N ILE A 368 -4.00 24.82 1.61
CA ILE A 368 -3.84 26.17 2.11
C ILE A 368 -5.19 26.72 2.58
N GLU A 369 -6.23 26.53 1.79
CA GLU A 369 -7.57 26.90 2.23
C GLU A 369 -7.99 26.20 3.52
N ASP A 370 -7.71 24.90 3.65
CA ASP A 370 -8.13 24.21 4.87
C ASP A 370 -7.33 24.75 6.07
N GLU A 371 -6.06 25.08 5.84
CA GLU A 371 -5.19 25.52 6.92
C GLU A 371 -5.60 26.94 7.37
N LYS A 372 -5.96 27.79 6.42
CA LYS A 372 -6.52 29.11 6.74
C LYS A 372 -7.63 28.97 7.74
N ALA A 373 -8.59 28.11 7.42
CA ALA A 373 -9.76 27.91 8.25
C ALA A 373 -9.41 27.39 9.63
N LEU A 374 -8.48 26.43 9.69
CA LEU A 374 -8.09 25.85 10.97
C LEU A 374 -7.38 26.89 11.84
N ARG A 375 -6.54 27.71 11.22
CA ARG A 375 -5.79 28.69 12.01
C ARG A 375 -6.70 29.79 12.53
N GLU A 376 -7.67 30.19 11.72
CA GLU A 376 -8.65 31.16 12.20
C GLU A 376 -9.42 30.61 13.39
N THR A 377 -9.83 29.35 13.29
CA THR A 377 -10.53 28.68 14.39
C THR A 377 -9.72 28.61 15.68
N VAL A 378 -8.42 28.29 15.59
CA VAL A 378 -7.68 28.15 16.84
C VAL A 378 -7.37 29.54 17.41
N ARG A 379 -7.20 30.55 16.56
CA ARG A 379 -7.09 31.93 17.04
C ARG A 379 -8.36 32.34 17.83
N LYS A 380 -9.53 31.98 17.30
CA LYS A 380 -10.78 32.32 17.96
C LYS A 380 -10.97 31.56 19.26
N LEU A 381 -10.14 30.54 19.47
CA LEU A 381 -10.18 29.78 20.72
C LEU A 381 -9.25 30.41 21.74
N GLY A 382 -8.51 31.43 21.30
CA GLY A 382 -7.70 32.19 22.22
C GLY A 382 -6.27 31.72 22.30
N VAL A 383 -5.86 30.91 21.32
CA VAL A 383 -4.44 30.62 21.15
C VAL A 383 -3.81 31.80 20.44
N ILE A 384 -2.89 32.47 21.13
CA ILE A 384 -2.37 33.71 20.57
C ILE A 384 -0.91 33.62 20.25
N ASP A 385 -0.15 33.11 21.21
CA ASP A 385 1.29 32.99 21.02
C ASP A 385 1.56 32.01 19.85
N SER A 386 2.58 32.28 19.05
CA SER A 386 2.94 31.35 17.98
C SER A 386 4.44 31.35 17.77
N GLU A 387 4.95 30.27 17.18
CA GLU A 387 6.36 30.17 16.87
C GLU A 387 6.58 29.19 15.71
N ARG A 388 7.41 29.59 14.76
N ARG A 388 7.42 29.58 14.74
CA ARG A 388 7.73 28.71 13.63
CA ARG A 388 7.73 28.71 13.62
C ARG A 388 8.41 27.42 14.14
C ARG A 388 8.45 27.44 14.11
N MET A 389 8.16 26.31 13.48
CA MET A 389 8.78 25.06 13.89
C MET A 389 8.99 24.17 12.70
N ASP A 390 10.21 23.65 12.55
CA ASP A 390 10.51 22.77 11.41
C ASP A 390 10.08 21.34 11.69
N PHE A 391 8.81 21.05 11.50
CA PHE A 391 8.24 19.75 11.86
C PHE A 391 8.97 18.58 11.22
N GLU A 392 9.49 18.78 10.01
CA GLU A 392 10.07 17.66 9.28
C GLU A 392 11.34 17.13 9.94
N LEU A 393 11.90 17.89 10.89
CA LEU A 393 13.10 17.45 11.62
C LEU A 393 12.79 16.52 12.79
N LEU A 394 11.57 16.57 13.28
CA LEU A 394 11.16 15.71 14.39
C LEU A 394 10.91 14.31 13.91
N PRO A 395 11.44 13.32 14.63
CA PRO A 395 11.01 11.93 14.45
C PRO A 395 9.48 11.86 14.47
N ASP A 396 8.89 10.99 13.65
CA ASP A 396 7.44 10.88 13.57
C ASP A 396 6.74 10.75 14.93
N ASP A 397 7.29 9.92 15.80
CA ASP A 397 6.66 9.64 17.09
C ASP A 397 6.68 10.87 17.97
N GLU A 398 7.49 11.87 17.60
CA GLU A 398 7.50 13.11 18.38
C GLU A 398 6.55 14.19 17.80
N ARG A 399 5.84 13.89 16.73
CA ARG A 399 4.91 14.90 16.20
C ARG A 399 3.57 14.30 15.79
N GLN A 400 3.11 13.33 16.56
CA GLN A 400 1.78 12.80 16.37
C GLN A 400 0.82 13.46 17.35
N CYS A 401 -0.34 13.85 16.83
CA CYS A 401 -1.41 14.38 17.66
C CYS A 401 -1.73 13.38 18.77
N VAL A 402 -1.66 13.84 20.00
CA VAL A 402 -2.01 13.04 21.18
C VAL A 402 -3.38 12.35 21.06
N LYS A 403 -4.32 13.06 20.46
CA LYS A 403 -5.67 12.57 20.25
C LYS A 403 -5.84 11.65 19.04
N CYS A 404 -5.67 12.19 17.83
CA CYS A 404 -6.01 11.43 16.63
C CYS A 404 -4.80 10.74 15.96
N LYS A 405 -3.63 10.87 16.57
CA LYS A 405 -2.36 10.28 16.10
C LYS A 405 -1.85 10.78 14.71
N THR A 406 -2.47 11.80 14.13
CA THR A 406 -2.03 12.27 12.81
C THR A 406 -0.58 12.82 12.92
N THR A 407 0.19 12.66 11.85
CA THR A 407 1.54 13.20 11.82
C THR A 407 1.44 14.68 11.49
N CYS A 408 1.83 15.54 12.42
CA CYS A 408 1.75 16.99 12.18
C CYS A 408 2.85 17.50 11.23
N PHE A 409 2.51 18.51 10.42
CA PHE A 409 3.51 19.18 9.61
C PHE A 409 3.18 20.66 9.43
N MET A 410 1.96 20.96 8.98
CA MET A 410 1.62 22.37 8.74
C MET A 410 1.57 23.13 10.06
N SER A 411 0.96 22.52 11.08
CA SER A 411 0.85 23.14 12.39
C SER A 411 0.41 22.18 13.49
N ALA A 412 0.62 22.62 14.73
CA ALA A 412 0.20 21.90 15.92
C ALA A 412 0.14 22.86 17.08
N ILE A 413 -0.51 22.43 18.17
CA ILE A 413 -0.58 23.19 19.40
C ILE A 413 0.24 22.49 20.48
N SER A 414 1.05 23.27 21.17
CA SER A 414 1.80 22.80 22.32
C SER A 414 1.43 23.61 23.56
N CYS A 415 1.85 23.09 24.71
CA CYS A 415 1.72 23.82 25.96
C CYS A 415 2.93 23.54 26.86
N SER A 416 3.50 24.60 27.44
CA SER A 416 4.55 24.49 28.46
C SER A 416 4.18 23.48 29.57
N CYS A 417 2.90 23.38 29.85
CA CYS A 417 2.38 22.36 30.79
C CYS A 417 2.68 20.89 30.45
N LYS A 418 2.59 20.49 29.18
CA LYS A 418 2.87 19.12 28.77
C LYS A 418 4.01 19.07 27.77
N PRO A 419 5.24 19.24 28.25
CA PRO A 419 6.42 19.37 27.38
C PRO A 419 6.52 18.22 26.38
N GLY A 420 6.71 18.53 25.11
CA GLY A 420 6.88 17.50 24.11
C GLY A 420 5.61 17.00 23.47
N LEU A 421 4.44 17.25 24.09
CA LEU A 421 3.19 16.78 23.50
C LEU A 421 2.60 17.78 22.51
N LEU A 422 1.91 17.25 21.50
CA LEU A 422 1.27 18.06 20.50
C LEU A 422 -0.13 17.55 20.22
N VAL A 423 -0.99 18.46 19.80
CA VAL A 423 -2.23 18.10 19.14
C VAL A 423 -2.31 18.82 17.81
N CYS A 424 -2.99 18.22 16.84
CA CYS A 424 -3.26 18.93 15.59
C CYS A 424 -4.32 19.98 15.90
N LEU A 425 -4.67 20.78 14.91
CA LEU A 425 -5.55 21.90 15.20
C LEU A 425 -7.03 21.49 15.30
N HIS A 426 -7.34 20.25 14.94
CA HIS A 426 -8.68 19.71 15.15
C HIS A 426 -8.92 19.35 16.62
N HIS A 427 -7.84 19.20 17.37
CA HIS A 427 -7.93 18.67 18.73
C HIS A 427 -7.27 19.57 19.76
N VAL A 428 -7.42 20.87 19.54
CA VAL A 428 -6.93 21.88 20.48
C VAL A 428 -7.45 21.67 21.90
N LYS A 429 -8.70 21.23 22.04
CA LYS A 429 -9.27 20.99 23.38
C LYS A 429 -8.73 19.75 24.07
N GLU A 430 -7.90 18.95 23.39
CA GLU A 430 -7.52 17.63 23.91
C GLU A 430 -6.10 17.54 24.44
N LEU A 431 -5.42 18.66 24.53
CA LEU A 431 -4.01 18.66 24.94
C LEU A 431 -3.83 18.67 26.46
N CYS A 432 -4.55 19.56 27.14
CA CYS A 432 -4.45 19.67 28.60
C CYS A 432 -5.51 20.57 29.19
N SER A 433 -5.41 20.80 30.50
CA SER A 433 -6.41 21.57 31.24
C SER A 433 -6.17 23.08 31.27
N CYS A 434 -4.96 23.52 30.95
CA CYS A 434 -4.59 24.94 31.01
C CYS A 434 -5.46 25.82 30.09
N PRO A 435 -5.60 27.11 30.42
CA PRO A 435 -6.29 28.03 29.50
C PRO A 435 -5.51 28.23 28.20
N PRO A 436 -6.24 28.39 27.09
CA PRO A 436 -5.72 28.59 25.73
C PRO A 436 -4.59 29.62 25.63
N TYR A 437 -4.54 30.62 26.51
CA TYR A 437 -3.46 31.60 26.41
C TYR A 437 -2.11 31.01 26.81
N LYS A 438 -2.12 29.86 27.48
CA LYS A 438 -0.87 29.18 27.80
C LYS A 438 -0.35 28.33 26.63
N TYR A 439 -1.16 28.21 25.57
CA TYR A 439 -0.83 27.41 24.39
C TYR A 439 -0.02 28.19 23.38
N LYS A 440 0.75 27.47 22.55
CA LYS A 440 1.46 28.08 21.42
C LYS A 440 1.03 27.37 20.14
N LEU A 441 0.72 28.14 19.10
CA LEU A 441 0.64 27.59 17.77
C LEU A 441 2.04 27.39 17.18
N ARG A 442 2.41 26.15 16.89
CA ARG A 442 3.66 25.87 16.16
CA ARG A 442 3.64 25.88 16.16
C ARG A 442 3.31 25.65 14.70
N TYR A 443 3.98 26.38 13.81
CA TYR A 443 3.61 26.35 12.40
C TYR A 443 4.84 26.21 11.52
N ARG A 444 4.69 25.52 10.40
CA ARG A 444 5.83 25.35 9.52
C ARG A 444 6.04 26.59 8.64
N TYR A 445 4.95 27.16 8.14
CA TYR A 445 4.97 28.24 7.14
C TYR A 445 3.97 29.31 7.49
N THR A 446 4.29 30.56 7.13
CA THR A 446 3.29 31.61 7.03
C THR A 446 2.67 31.56 5.64
N LEU A 447 1.54 32.24 5.44
CA LEU A 447 0.97 32.36 4.08
C LEU A 447 1.96 32.93 3.09
N ASP A 448 2.69 33.96 3.51
CA ASP A 448 3.78 34.54 2.72
C ASP A 448 4.81 33.54 2.28
N ASP A 449 5.16 32.57 3.14
CA ASP A 449 6.14 31.57 2.73
C ASP A 449 5.58 30.71 1.59
N LEU A 450 4.27 30.47 1.63
CA LEU A 450 3.66 29.50 0.76
C LEU A 450 3.46 29.99 -0.68
N TYR A 451 3.31 31.31 -0.87
CA TYR A 451 2.93 31.82 -2.19
C TYR A 451 4.06 31.83 -3.23
N PRO A 452 5.32 32.04 -2.82
CA PRO A 452 6.39 31.70 -3.75
C PRO A 452 6.28 30.25 -4.25
N MET A 453 5.94 29.33 -3.33
CA MET A 453 5.89 27.90 -3.65
C MET A 453 4.75 27.64 -4.62
N MET A 454 3.57 28.14 -4.28
CA MET A 454 2.43 28.11 -5.18
C MET A 454 2.70 28.76 -6.53
N ASN A 455 3.28 29.95 -6.53
CA ASN A 455 3.59 30.60 -7.80
C ASN A 455 4.60 29.80 -8.60
N ALA A 456 5.61 29.25 -7.94
CA ALA A 456 6.58 28.42 -8.64
C ALA A 456 5.87 27.26 -9.36
N LEU A 457 4.92 26.61 -8.66
CA LEU A 457 4.18 25.50 -9.28
C LEU A 457 3.38 25.97 -10.49
N LYS A 458 2.71 27.10 -10.35
CA LYS A 458 1.89 27.65 -11.43
C LYS A 458 2.74 27.93 -12.66
N LEU A 459 3.89 28.57 -12.46
CA LEU A 459 4.83 28.83 -13.55
C LEU A 459 5.35 27.55 -14.19
N ARG A 460 5.70 26.56 -13.37
CA ARG A 460 6.19 25.31 -13.91
C ARG A 460 5.07 24.62 -14.72
N ALA A 461 3.84 24.77 -14.26
CA ALA A 461 2.70 24.15 -14.92
C ALA A 461 2.19 24.97 -16.12
N GLU A 462 2.71 26.19 -16.28
CA GLU A 462 2.24 27.15 -17.29
C GLU A 462 0.74 27.39 -17.16
ZN ZN B . -5.55 15.48 16.11
ZN ZN C . -1.24 22.83 29.83
C1 P6B D . -5.40 33.28 12.98
N1 P6B D . -4.23 34.19 11.13
O1 P6B D . -4.20 32.84 8.72
C2 P6B D . -4.85 32.93 11.60
N2 P6B D . -2.12 32.23 8.92
O2 P6B D . -6.64 35.10 11.99
C3 P6B D . -2.94 34.00 10.47
N3 P6B D . -3.98 31.82 7.75
C4 P6B D . -3.05 33.00 9.36
C5 P6B D . -2.74 31.52 7.92
C6 P6B D . -2.07 30.48 7.13
C7 P6B D . -2.80 29.66 6.28
C8 P6B D . -2.17 28.67 5.54
C9 P6B D . -0.81 28.49 5.66
C10 P6B D . -0.07 29.28 6.51
C11 P6B D . -0.70 30.27 7.24
C12 P6B D . -4.22 35.05 12.32
C13 P6B D . -5.60 34.77 12.92
MN MN E . -1.79 -5.35 -0.95
CL CL F . -9.96 -23.94 9.53
C1 EDO G . -1.26 19.11 10.42
O1 EDO G . -0.09 19.71 11.05
C2 EDO G . -1.38 19.38 8.92
O2 EDO G . -0.18 19.08 8.15
C1 EDO H . 11.09 -13.69 1.93
O1 EDO H . 9.97 -13.78 1.03
C2 EDO H . 12.10 -12.69 1.37
O2 EDO H . 13.14 -12.48 2.33
C1 EDO I . 0.74 32.44 12.79
O1 EDO I . -0.06 31.94 11.70
C2 EDO I . 2.00 32.98 12.16
O2 EDO I . 1.70 33.23 10.78
C1 EDO J . -4.54 19.65 7.01
O1 EDO J . -3.75 19.62 5.82
C2 EDO J . -5.13 21.04 7.00
O2 EDO J . -4.23 21.81 6.18
C1 EDO K . -19.43 -9.62 -8.09
O1 EDO K . -20.84 -9.71 -7.85
C2 EDO K . -19.20 -8.47 -9.07
O2 EDO K . -20.45 -7.84 -9.38
C1 EDO L . 3.59 14.66 20.41
O1 EDO L . 2.22 14.38 20.75
C2 EDO L . 4.45 13.39 20.38
O2 EDO L . 4.05 12.54 19.29
C1 EDO M . -12.04 5.50 -3.38
O1 EDO M . -13.06 5.47 -4.40
C2 EDO M . -12.39 6.56 -2.33
O2 EDO M . -13.42 6.06 -1.47
C1 EDO N . -1.96 32.07 16.61
O1 EDO N . -3.36 31.83 16.89
C2 EDO N . -1.77 33.46 16.01
O2 EDO N . -1.86 34.44 17.06
C1 EDO O . -27.56 -6.04 5.07
O1 EDO O . -27.62 -7.37 5.60
C2 EDO O . -26.38 -5.89 4.11
O2 EDO O . -26.77 -6.25 2.78
C1 EDO P . -1.90 -11.67 6.70
O1 EDO P . -2.30 -11.60 5.35
C2 EDO P . -0.74 -12.62 6.69
O2 EDO P . -0.01 -12.35 5.48
S DMS Q . 1.44 -11.00 -1.89
O DMS Q . 2.16 -11.64 -3.04
C1 DMS Q . 1.02 -12.24 -0.63
C2 DMS Q . -0.20 -10.42 -2.44
S DMS R . 3.78 -4.40 -0.93
O DMS R . 2.97 -5.68 -0.89
C1 DMS R . 3.60 -3.49 0.64
C2 DMS R . 2.95 -3.24 -2.06
S DMS S . -8.21 3.00 6.44
O DMS S . -7.14 2.15 5.81
C1 DMS S . -9.43 1.90 7.23
C2 DMS S . -9.25 3.70 5.17
P PO4 T . -12.79 13.09 17.46
O1 PO4 T . -14.27 12.93 17.74
O2 PO4 T . -12.49 14.50 16.97
O3 PO4 T . -12.02 12.78 18.73
O4 PO4 T . -12.35 12.10 16.41
#